data_1N66
#
_entry.id   1N66
#
_cell.length_a   1.000
_cell.length_b   1.000
_cell.length_c   1.000
_cell.angle_alpha   90.00
_cell.angle_beta   90.00
_cell.angle_gamma   90.00
#
_symmetry.space_group_name_H-M   'P 1'
#
_entity_poly.entity_id   1
_entity_poly.type   'polyribonucleotide'
_entity_poly.pdbx_seq_one_letter_code
;GGACCUCUCGAAAGAGUUGUCC
;
_entity_poly.pdbx_strand_id   A
#